data_6L4V
#
_entry.id   6L4V
#
_cell.length_a   79.000
_cell.length_b   133.800
_cell.length_c   44.250
_cell.angle_alpha   90.00
_cell.angle_beta   90.00
_cell.angle_gamma   90.00
#
_symmetry.space_group_name_H-M   'P 21 21 2'
#
loop_
_entity.id
_entity.type
_entity.pdbx_description
1 polymer 'Asparaginyl endopeptidase'
2 non-polymer 1,2-ETHANEDIOL
3 non-polymer DI(HYDROXYETHYL)ETHER
4 water water
#
_entity_poly.entity_id   1
_entity_poly.type   'polypeptide(L)'
_entity_poly.pdbx_seq_one_letter_code
;MVSAIVLYVLLAAAAHSAFAAAMGHHHHHHSSGVDLGTENLYFQSMARLNPQKEWDSVIRLPTEPVDADTDEVGTRWAVL
VAGSNGYENYRHQADVCHAYQLLIKGGLKEENIVVFMYDDIAWHELNPRPGVIINNPRGEDVYAGVPKDYTGEDVTAENL
FAVILGDRSKVKGGSGKVINSKPEDRIFIFYS(SNN)HGGPGVLGMPNEQILYAMDFIDVLKKKHASGGYREMVIYVEAC
ESGSLFEGIMPKDLNVFVTTASNAQENSWGTYCPGTEPSPPPEYTTCLGDLYSVAWMEDSESHNLRRETVNQQYRSVKER
TSNFKDYAMGSHVMQYGDTNITAEKLYLFQGFDPATVNLPPHNGRIEAKMEVVHQRDAELLFMWQMYQRSNHLLGKKTHI
LKQIAETVKHRNHLDGSVELIGVLLYGPGKGSPVLQSVRDPGLPLVDNWACLKSMVRVFESHCGSLTQYGMKHMRAFANI
CNSGVSESSMEEACMVACGGHDAGHL
;
_entity_poly.pdbx_strand_id   A
#
loop_
_chem_comp.id
_chem_comp.type
_chem_comp.name
_chem_comp.formula
EDO non-polymer 1,2-ETHANEDIOL 'C2 H6 O2'
PEG non-polymer DI(HYDROXYETHYL)ETHER 'C4 H10 O3'
#
# COMPACT_ATOMS: atom_id res chain seq x y z
N VAL A 73 -5.55 27.59 -13.17
CA VAL A 73 -4.24 28.12 -12.83
C VAL A 73 -3.48 27.11 -11.97
N GLY A 74 -2.27 26.78 -12.38
CA GLY A 74 -1.45 25.84 -11.63
C GLY A 74 -1.18 24.56 -12.38
N THR A 75 -0.29 23.76 -11.81
CA THR A 75 0.15 22.51 -12.40
C THR A 75 -0.28 21.34 -11.54
N ARG A 76 -0.63 20.24 -12.19
CA ARG A 76 -1.02 19.01 -11.50
C ARG A 76 0.18 18.09 -11.42
N TRP A 77 0.48 17.63 -10.19
CA TRP A 77 1.61 16.71 -9.97
C TRP A 77 1.09 15.41 -9.39
N ALA A 78 1.90 14.34 -9.49
CA ALA A 78 1.53 13.10 -8.84
C ALA A 78 2.75 12.36 -8.37
N VAL A 79 2.55 11.53 -7.33
CA VAL A 79 3.60 10.62 -6.85
C VAL A 79 2.90 9.26 -6.75
N LEU A 80 3.44 8.28 -7.48
CA LEU A 80 2.85 6.95 -7.52
C LEU A 80 3.85 6.00 -6.92
N VAL A 81 3.43 5.21 -5.94
CA VAL A 81 4.37 4.35 -5.22
C VAL A 81 3.90 2.94 -5.09
N ALA A 82 4.73 1.97 -5.51
CA ALA A 82 4.47 0.57 -5.19
C ALA A 82 5.47 0.26 -4.08
N GLY A 83 4.98 -0.30 -2.96
CA GLY A 83 5.82 -0.52 -1.79
C GLY A 83 6.45 -1.90 -1.68
N SER A 84 6.30 -2.70 -2.71
CA SER A 84 6.72 -4.10 -2.66
C SER A 84 7.50 -4.53 -3.89
N ASN A 85 8.01 -5.76 -3.89
CA ASN A 85 8.65 -6.32 -5.07
C ASN A 85 8.39 -7.82 -5.11
N GLY A 86 8.87 -8.46 -6.15
CA GLY A 86 8.68 -9.87 -6.32
C GLY A 86 7.52 -10.13 -7.22
N TYR A 87 7.61 -11.21 -8.04
CA TYR A 87 6.53 -11.55 -8.95
C TYR A 87 5.21 -11.80 -8.22
N GLU A 88 5.29 -12.34 -6.98
CA GLU A 88 4.09 -12.54 -6.16
C GLU A 88 3.30 -11.25 -5.94
N ASN A 89 4.02 -10.10 -5.98
CA ASN A 89 3.45 -8.78 -5.79
C ASN A 89 3.27 -7.97 -7.08
N TYR A 90 3.14 -8.68 -8.20
CA TYR A 90 2.92 -8.08 -9.53
C TYR A 90 1.83 -6.99 -9.47
N ARG A 91 0.76 -7.25 -8.73
CA ARG A 91 -0.39 -6.35 -8.71
C ARG A 91 -0.07 -4.95 -8.23
N HIS A 92 0.87 -4.77 -7.31
CA HIS A 92 1.15 -3.42 -6.79
C HIS A 92 1.76 -2.56 -7.87
N GLN A 93 2.73 -3.14 -8.59
CA GLN A 93 3.36 -2.39 -9.68
C GLN A 93 2.41 -2.25 -10.86
N ALA A 94 1.56 -3.25 -11.13
CA ALA A 94 0.55 -3.10 -12.18
C ALA A 94 -0.43 -1.97 -11.83
N ASP A 95 -0.81 -1.82 -10.54
CA ASP A 95 -1.72 -0.73 -10.15
C ASP A 95 -1.06 0.62 -10.43
N VAL A 96 0.23 0.74 -10.04
CA VAL A 96 0.95 2.00 -10.21
C VAL A 96 1.16 2.35 -11.69
N CYS A 97 1.51 1.34 -12.50
CA CYS A 97 1.68 1.62 -13.94
C CYS A 97 0.34 2.03 -14.57
N HIS A 98 -0.74 1.38 -14.18
CA HIS A 98 -2.08 1.78 -14.68
C HIS A 98 -2.40 3.23 -14.27
N ALA A 99 -2.10 3.60 -13.02
CA ALA A 99 -2.32 4.97 -12.57
C ALA A 99 -1.53 5.96 -13.39
N TYR A 100 -0.26 5.59 -13.72
CA TYR A 100 0.55 6.48 -14.56
C TYR A 100 -0.13 6.71 -15.92
N GLN A 101 -0.55 5.62 -16.56
CA GLN A 101 -1.17 5.76 -17.90
C GLN A 101 -2.43 6.60 -17.86
N LEU A 102 -3.21 6.44 -16.81
CA LEU A 102 -4.47 7.16 -16.64
C LEU A 102 -4.19 8.66 -16.50
N LEU A 103 -3.17 9.02 -15.69
CA LEU A 103 -2.84 10.43 -15.47
C LEU A 103 -2.30 11.08 -16.75
N ILE A 104 -1.48 10.36 -17.53
CA ILE A 104 -0.97 10.89 -18.81
C ILE A 104 -2.16 11.13 -19.76
N LYS A 105 -3.09 10.17 -19.84
CA LYS A 105 -4.28 10.37 -20.68
C LYS A 105 -5.10 11.59 -20.25
N GLY A 106 -5.03 11.95 -18.97
CA GLY A 106 -5.69 13.11 -18.41
C GLY A 106 -4.97 14.43 -18.63
N GLY A 107 -3.77 14.39 -19.21
CA GLY A 107 -3.05 15.63 -19.49
C GLY A 107 -2.01 16.05 -18.48
N LEU A 108 -1.77 15.21 -17.44
CA LEU A 108 -0.67 15.47 -16.54
C LEU A 108 0.61 15.19 -17.35
N LYS A 109 1.64 15.97 -17.09
CA LYS A 109 2.87 15.81 -17.83
C LYS A 109 3.79 14.87 -17.10
N GLU A 110 4.56 14.10 -17.86
CA GLU A 110 5.53 13.18 -17.28
C GLU A 110 6.50 13.84 -16.31
N GLU A 111 6.94 15.05 -16.59
CA GLU A 111 7.87 15.74 -15.70
C GLU A 111 7.25 16.03 -14.32
N ASN A 112 5.92 15.98 -14.22
CA ASN A 112 5.25 16.25 -12.94
C ASN A 112 4.77 14.98 -12.22
N ILE A 113 5.01 13.78 -12.79
CA ILE A 113 4.56 12.55 -12.17
C ILE A 113 5.80 11.74 -11.80
N VAL A 114 6.01 11.48 -10.49
CA VAL A 114 7.16 10.72 -10.04
C VAL A 114 6.72 9.30 -9.79
N VAL A 115 7.39 8.31 -10.43
CA VAL A 115 7.04 6.93 -10.23
C VAL A 115 8.07 6.21 -9.40
N PHE A 116 7.60 5.56 -8.32
CA PHE A 116 8.39 4.68 -7.47
C PHE A 116 7.91 3.24 -7.74
N MET A 117 8.75 2.44 -8.41
CA MET A 117 8.40 1.04 -8.63
C MET A 117 9.70 0.25 -8.64
N TYR A 118 9.73 -0.92 -7.99
CA TYR A 118 11.00 -1.67 -7.93
C TYR A 118 11.49 -2.02 -9.35
N ASP A 119 10.54 -2.30 -10.26
CA ASP A 119 10.78 -2.53 -11.69
C ASP A 119 11.33 -3.92 -12.00
N ASP A 120 10.93 -4.89 -11.19
CA ASP A 120 11.34 -6.29 -11.38
C ASP A 120 10.26 -7.15 -12.02
N ILE A 121 9.13 -6.57 -12.45
CA ILE A 121 8.01 -7.34 -12.95
C ILE A 121 7.97 -7.52 -14.46
N ALA A 122 8.14 -6.42 -15.23
CA ALA A 122 7.98 -6.52 -16.68
C ALA A 122 8.87 -7.55 -17.32
N TRP A 123 10.12 -7.67 -16.88
CA TRP A 123 11.07 -8.60 -17.47
C TRP A 123 11.38 -9.77 -16.56
N HIS A 124 10.50 -10.06 -15.60
CA HIS A 124 10.68 -11.17 -14.70
C HIS A 124 10.66 -12.48 -15.49
N GLU A 125 11.50 -13.45 -15.10
CA GLU A 125 11.51 -14.74 -15.80
C GLU A 125 10.14 -15.44 -15.76
N LEU A 126 9.30 -15.14 -14.73
CA LEU A 126 7.99 -15.74 -14.63
C LEU A 126 6.89 -15.02 -15.37
N ASN A 127 7.19 -13.85 -15.97
CA ASN A 127 6.14 -13.09 -16.65
C ASN A 127 5.84 -13.74 -18.01
N PRO A 128 4.60 -14.19 -18.24
CA PRO A 128 4.28 -14.87 -19.51
C PRO A 128 4.17 -13.90 -20.70
N ARG A 129 4.14 -12.58 -20.45
CA ARG A 129 4.12 -11.55 -21.50
C ARG A 129 5.32 -10.63 -21.25
N PRO A 130 6.53 -11.09 -21.62
CA PRO A 130 7.72 -10.28 -21.33
C PRO A 130 7.62 -8.86 -21.81
N GLY A 131 8.01 -7.95 -20.93
CA GLY A 131 8.02 -6.52 -21.21
C GLY A 131 6.67 -5.85 -21.10
N VAL A 132 5.67 -6.60 -20.66
CA VAL A 132 4.30 -6.10 -20.56
C VAL A 132 3.79 -6.31 -19.13
N ILE A 133 2.98 -5.36 -18.65
CA ILE A 133 2.25 -5.48 -17.39
C ILE A 133 0.81 -5.13 -17.67
N ILE A 134 -0.13 -5.95 -17.17
CA ILE A 134 -1.55 -5.63 -17.30
C ILE A 134 -2.18 -5.48 -15.91
N ASN A 135 -3.30 -4.76 -15.81
CA ASN A 135 -3.91 -4.52 -14.49
C ASN A 135 -5.37 -4.98 -14.40
N ASN A 136 -5.85 -5.67 -15.43
CA ASN A 136 -7.19 -6.21 -15.45
C ASN A 136 -7.30 -7.23 -16.61
N PRO A 137 -8.34 -8.08 -16.62
CA PRO A 137 -8.42 -9.15 -17.62
C PRO A 137 -8.52 -8.70 -19.06
N ARG A 138 -8.82 -7.42 -19.32
CA ARG A 138 -8.84 -6.92 -20.70
C ARG A 138 -7.44 -6.95 -21.35
N GLY A 139 -6.38 -7.04 -20.54
CA GLY A 139 -5.03 -7.25 -21.03
C GLY A 139 -4.34 -6.13 -21.78
N GLU A 140 -4.68 -4.88 -21.47
CA GLU A 140 -4.00 -3.75 -22.10
C GLU A 140 -2.70 -3.47 -21.36
N ASP A 141 -1.57 -3.40 -22.08
CA ASP A 141 -0.29 -3.11 -21.44
C ASP A 141 -0.32 -1.72 -20.80
N VAL A 142 0.21 -1.63 -19.56
CA VAL A 142 0.36 -0.36 -18.87
C VAL A 142 1.82 -0.05 -18.56
N TYR A 143 2.77 -0.89 -18.97
CA TYR A 143 4.20 -0.70 -18.67
C TYR A 143 4.92 0.20 -19.62
N ALA A 144 4.62 0.10 -20.94
CA ALA A 144 5.35 0.93 -21.90
C ALA A 144 5.20 2.41 -21.63
N GLY A 145 6.30 3.12 -21.59
CA GLY A 145 6.30 4.55 -21.36
C GLY A 145 6.39 5.02 -19.93
N VAL A 146 6.26 4.10 -18.94
CA VAL A 146 6.36 4.52 -17.55
C VAL A 146 7.81 4.89 -17.23
N PRO A 147 8.03 6.06 -16.64
CA PRO A 147 9.40 6.49 -16.34
C PRO A 147 10.04 5.71 -15.21
N LYS A 148 11.37 5.64 -15.27
CA LYS A 148 12.15 4.99 -14.22
C LYS A 148 12.71 6.10 -13.35
N ASP A 149 11.88 6.59 -12.42
CA ASP A 149 12.31 7.67 -11.56
C ASP A 149 13.05 7.11 -10.37
N TYR A 150 12.37 6.26 -9.58
CA TYR A 150 12.97 5.61 -8.42
C TYR A 150 12.64 4.14 -8.54
N THR A 151 13.65 3.36 -8.94
CA THR A 151 13.45 1.92 -9.10
C THR A 151 14.52 1.15 -8.30
N GLY A 152 14.33 -0.15 -8.16
CA GLY A 152 15.30 -0.98 -7.44
C GLY A 152 15.65 -0.44 -6.07
N GLU A 153 16.95 -0.37 -5.80
CA GLU A 153 17.45 0.14 -4.53
C GLU A 153 17.01 1.54 -4.19
N ASP A 154 16.54 2.33 -5.18
CA ASP A 154 16.15 3.71 -4.90
C ASP A 154 14.71 3.88 -4.43
N VAL A 155 13.95 2.77 -4.33
CA VAL A 155 12.58 2.87 -3.82
C VAL A 155 12.72 2.82 -2.31
N THR A 156 12.94 4.00 -1.73
CA THR A 156 13.17 4.11 -0.29
C THR A 156 12.25 5.14 0.32
N ALA A 157 12.03 5.02 1.67
CA ALA A 157 11.23 6.02 2.35
C ALA A 157 11.91 7.38 2.28
N GLU A 158 13.24 7.42 2.38
CA GLU A 158 13.96 8.70 2.34
C GLU A 158 13.75 9.38 0.98
N ASN A 159 13.80 8.60 -0.12
CA ASN A 159 13.57 9.22 -1.44
C ASN A 159 12.14 9.66 -1.58
N LEU A 160 11.18 8.90 -1.03
CA LEU A 160 9.77 9.29 -1.10
C LEU A 160 9.58 10.62 -0.39
N PHE A 161 10.16 10.76 0.81
CA PHE A 161 10.03 12.01 1.54
C PHE A 161 10.67 13.17 0.80
N ALA A 162 11.91 12.97 0.28
CA ALA A 162 12.58 14.03 -0.48
C ALA A 162 11.76 14.43 -1.72
N VAL A 163 11.19 13.44 -2.41
CA VAL A 163 10.38 13.73 -3.58
C VAL A 163 9.16 14.57 -3.21
N ILE A 164 8.43 14.18 -2.17
CA ILE A 164 7.23 14.93 -1.77
C ILE A 164 7.62 16.35 -1.35
N LEU A 165 8.75 16.51 -0.65
CA LEU A 165 9.19 17.84 -0.24
C LEU A 165 9.72 18.71 -1.37
N GLY A 166 10.01 18.13 -2.52
CA GLY A 166 10.54 18.87 -3.64
C GLY A 166 11.99 19.24 -3.44
N ASP A 167 12.73 18.42 -2.69
CA ASP A 167 14.11 18.68 -2.33
C ASP A 167 15.07 17.75 -3.02
N ARG A 168 15.52 18.12 -4.23
CA ARG A 168 16.44 17.28 -5.00
C ARG A 168 17.76 17.05 -4.27
N SER A 169 18.18 18.00 -3.42
CA SER A 169 19.41 17.84 -2.64
C SER A 169 19.35 16.67 -1.65
N LYS A 170 18.13 16.21 -1.27
CA LYS A 170 17.94 15.11 -0.32
C LYS A 170 17.67 13.76 -1.01
N VAL A 171 17.62 13.74 -2.33
CA VAL A 171 17.39 12.52 -3.08
C VAL A 171 18.73 11.80 -3.24
N LYS A 172 18.69 10.47 -3.16
CA LYS A 172 19.85 9.62 -3.40
C LYS A 172 19.55 8.70 -4.59
N GLY A 173 20.26 8.91 -5.69
CA GLY A 173 20.04 8.10 -6.88
C GLY A 173 18.77 8.49 -7.62
N GLY A 174 18.26 7.55 -8.40
CA GLY A 174 17.05 7.82 -9.17
C GLY A 174 17.25 8.87 -10.24
N SER A 175 16.14 9.37 -10.78
CA SER A 175 16.19 10.35 -11.85
C SER A 175 16.40 11.78 -11.35
N GLY A 176 16.17 12.02 -10.07
CA GLY A 176 16.25 13.36 -9.53
C GLY A 176 14.95 14.13 -9.65
N LYS A 177 13.90 13.53 -10.25
CA LYS A 177 12.60 14.18 -10.38
C LYS A 177 12.00 14.29 -8.99
N VAL A 178 11.48 15.47 -8.63
CA VAL A 178 10.87 15.70 -7.31
C VAL A 178 9.60 16.55 -7.50
N ILE A 179 8.79 16.74 -6.43
CA ILE A 179 7.61 17.57 -6.52
C ILE A 179 7.97 19.01 -6.14
N ASN A 180 8.67 19.70 -7.04
CA ASN A 180 9.11 21.07 -6.80
C ASN A 180 7.98 21.99 -7.20
N SER A 181 6.88 21.86 -6.48
CA SER A 181 5.63 22.50 -6.76
C SER A 181 5.51 23.94 -6.23
N LYS A 182 4.52 24.65 -6.77
CA LYS A 182 4.23 26.04 -6.44
C LYS A 182 2.91 26.12 -5.66
N PRO A 183 2.66 27.25 -4.97
CA PRO A 183 1.43 27.36 -4.16
C PRO A 183 0.10 27.16 -4.88
N GLU A 184 0.05 27.37 -6.18
CA GLU A 184 -1.18 27.19 -6.95
C GLU A 184 -1.39 25.75 -7.43
N ASP A 185 -0.38 24.89 -7.26
CA ASP A 185 -0.42 23.54 -7.79
C ASP A 185 -1.21 22.55 -6.96
N ARG A 186 -1.65 21.47 -7.61
CA ARG A 186 -2.29 20.38 -6.89
C ARG A 186 -1.45 19.13 -7.02
N ILE A 187 -1.57 18.26 -6.01
CA ILE A 187 -0.78 17.04 -5.98
C ILE A 187 -1.70 15.85 -5.71
N PHE A 188 -1.44 14.72 -6.38
CA PHE A 188 -2.16 13.47 -6.21
C PHE A 188 -1.14 12.41 -5.85
N ILE A 189 -1.35 11.72 -4.72
CA ILE A 189 -0.43 10.66 -4.29
C ILE A 189 -1.20 9.35 -4.24
N PHE A 190 -0.65 8.28 -4.85
CA PHE A 190 -1.28 6.97 -4.81
C PHE A 190 -0.22 5.96 -4.43
N TYR A 191 -0.50 5.22 -3.36
CA TYR A 191 0.39 4.17 -2.89
C TYR A 191 -0.33 2.81 -2.97
N SER A 192 0.33 1.78 -3.44
CA SER A 192 -0.22 0.44 -3.44
C SER A 192 0.84 -0.52 -2.92
N1 SNN A 193 1.82 -3.45 0.61
C SNN A 193 0.66 -3.12 -0.22
CA SNN A 193 1.19 -2.57 -1.49
N SNN A 193 0.50 -1.33 -1.84
C4 SNN A 193 2.65 -2.19 -1.23
C5 SNN A 193 3.06 -3.06 0.07
O SNN A 193 -0.47 -3.24 0.08
O5 SNN A 193 4.14 -3.22 0.54
CA HIS A 194 1.60 -4.12 1.82
C HIS A 194 1.64 -3.07 2.93
N GLY A 195 1.01 -3.42 4.04
CA GLY A 195 1.01 -2.54 5.20
C GLY A 195 0.65 -3.30 6.45
N GLY A 196 0.54 -2.54 7.49
CA GLY A 196 0.10 -3.02 8.78
C GLY A 196 -0.39 -1.83 9.58
N PRO A 197 -0.79 -2.06 10.84
CA PRO A 197 -1.27 -0.93 11.66
C PRO A 197 -0.19 0.15 11.82
N GLY A 198 -0.46 1.36 11.34
CA GLY A 198 0.44 2.50 11.43
C GLY A 198 1.65 2.44 10.50
N VAL A 199 1.71 1.45 9.58
CA VAL A 199 2.89 1.30 8.72
C VAL A 199 2.57 0.91 7.28
N LEU A 200 3.48 1.30 6.38
CA LEU A 200 3.45 0.90 4.98
C LEU A 200 4.74 0.22 4.62
N GLY A 201 4.66 -0.71 3.68
CA GLY A 201 5.88 -1.35 3.21
C GLY A 201 6.65 -0.49 2.23
N MET A 202 7.95 -0.69 2.21
CA MET A 202 8.85 -0.18 1.19
C MET A 202 9.76 -1.40 0.88
N PRO A 203 10.15 -1.58 -0.38
CA PRO A 203 10.73 -2.87 -0.80
C PRO A 203 12.14 -3.22 -0.40
N ASN A 204 12.91 -2.26 0.07
CA ASN A 204 14.32 -2.53 0.38
C ASN A 204 14.47 -2.72 1.88
N GLU A 205 13.69 -3.65 2.43
CA GLU A 205 13.76 -3.98 3.87
C GLU A 205 13.53 -2.75 4.74
N GLN A 206 12.49 -1.99 4.40
CA GLN A 206 12.17 -0.78 5.15
C GLN A 206 10.71 -0.74 5.49
N ILE A 207 10.42 -0.13 6.63
CA ILE A 207 9.06 0.11 7.04
C ILE A 207 8.88 1.63 7.03
N LEU A 208 7.78 2.11 6.46
CA LEU A 208 7.47 3.53 6.47
C LEU A 208 6.42 3.75 7.57
N TYR A 209 6.72 4.59 8.58
CA TYR A 209 5.82 4.80 9.70
C TYR A 209 4.89 5.96 9.47
N ALA A 210 3.63 5.81 9.86
CA ALA A 210 2.59 6.80 9.59
C ALA A 210 2.95 8.21 10.04
N MET A 211 3.48 8.36 11.26
CA MET A 211 3.76 9.70 11.75
C MET A 211 4.82 10.39 10.91
N ASP A 212 5.79 9.63 10.36
CA ASP A 212 6.78 10.27 9.48
C ASP A 212 6.14 10.75 8.19
N PHE A 213 5.17 10.00 7.66
CA PHE A 213 4.46 10.43 6.45
C PHE A 213 3.62 11.71 6.75
N ILE A 214 2.96 11.76 7.90
CA ILE A 214 2.19 12.95 8.30
C ILE A 214 3.14 14.13 8.47
N ASP A 215 4.33 13.89 9.06
N ASP A 215 4.32 13.88 9.05
CA ASP A 215 5.28 14.99 9.26
CA ASP A 215 5.35 14.89 9.27
C ASP A 215 5.76 15.54 7.92
C ASP A 215 5.77 15.51 7.93
N VAL A 216 5.92 14.68 6.90
CA VAL A 216 6.31 15.18 5.58
C VAL A 216 5.22 16.04 4.99
N LEU A 217 3.96 15.67 5.18
CA LEU A 217 2.84 16.50 4.72
C LEU A 217 2.82 17.84 5.45
N LYS A 218 3.06 17.82 6.77
CA LYS A 218 3.13 19.08 7.53
C LYS A 218 4.27 19.95 7.04
N LYS A 219 5.43 19.36 6.75
CA LYS A 219 6.58 20.13 6.28
C LYS A 219 6.29 20.74 4.93
N LYS A 220 5.66 19.97 4.05
CA LYS A 220 5.32 20.47 2.71
C LYS A 220 4.30 21.60 2.82
N HIS A 221 3.30 21.46 3.70
CA HIS A 221 2.29 22.49 3.92
C HIS A 221 2.94 23.75 4.46
N ALA A 222 3.86 23.61 5.42
CA ALA A 222 4.54 24.76 6.02
C ALA A 222 5.36 25.55 5.01
N SER A 223 5.85 24.89 3.95
N SER A 223 5.85 24.89 3.95
CA SER A 223 6.62 25.57 2.90
CA SER A 223 6.62 25.59 2.92
C SER A 223 5.72 26.35 1.90
C SER A 223 5.75 26.21 1.80
N GLY A 224 4.42 26.09 1.92
CA GLY A 224 3.46 26.69 1.00
C GLY A 224 3.48 26.16 -0.43
N GLY A 225 4.08 25.00 -0.63
CA GLY A 225 4.28 24.41 -1.94
C GLY A 225 3.14 23.70 -2.67
N TYR A 226 1.89 23.96 -2.29
CA TYR A 226 0.74 23.40 -3.00
C TYR A 226 -0.54 24.04 -2.49
N ARG A 227 -1.60 23.96 -3.29
CA ARG A 227 -2.91 24.47 -2.97
C ARG A 227 -3.72 23.37 -2.26
N GLU A 228 -3.85 22.20 -2.87
CA GLU A 228 -4.57 21.05 -2.32
C GLU A 228 -3.88 19.77 -2.74
N MET A 229 -4.14 18.71 -1.98
CA MET A 229 -3.60 17.40 -2.29
C MET A 229 -4.65 16.33 -2.01
N VAL A 230 -4.66 15.26 -2.82
CA VAL A 230 -5.51 14.10 -2.61
C VAL A 230 -4.57 12.90 -2.53
N ILE A 231 -4.78 12.02 -1.53
CA ILE A 231 -3.91 10.85 -1.35
C ILE A 231 -4.78 9.60 -1.27
N TYR A 232 -4.48 8.59 -2.06
CA TYR A 232 -5.17 7.30 -2.07
C TYR A 232 -4.19 6.24 -1.61
N VAL A 233 -4.57 5.43 -0.60
CA VAL A 233 -3.65 4.41 -0.06
C VAL A 233 -4.27 3.03 -0.08
N GLU A 234 -3.64 2.12 -0.78
CA GLU A 234 -4.05 0.72 -0.82
C GLU A 234 -3.03 -0.08 0.01
N ALA A 235 -3.46 -0.57 1.21
CA ALA A 235 -2.62 -1.40 2.08
C ALA A 235 -3.49 -1.91 3.23
N CYS A 236 -3.06 -2.99 3.88
CA CYS A 236 -3.80 -3.54 5.02
C CYS A 236 -3.83 -2.59 6.18
N GLU A 237 -5.01 -2.48 6.85
CA GLU A 237 -5.18 -1.63 8.03
C GLU A 237 -4.80 -0.18 7.72
N SER A 238 -4.94 0.23 6.44
CA SER A 238 -4.50 1.55 6.04
C SER A 238 -5.18 2.72 6.73
N GLY A 239 -6.41 2.56 7.25
CA GLY A 239 -7.04 3.64 8.00
C GLY A 239 -6.23 4.07 9.21
N SER A 240 -5.43 3.12 9.75
CA SER A 240 -4.58 3.35 10.92
C SER A 240 -3.39 4.28 10.63
N LEU A 241 -3.10 4.56 9.36
CA LEU A 241 -2.05 5.51 9.03
C LEU A 241 -2.50 6.93 9.29
N PHE A 242 -3.83 7.17 9.41
CA PHE A 242 -4.35 8.52 9.53
C PHE A 242 -5.24 8.74 10.75
N GLU A 243 -5.85 7.68 11.28
CA GLU A 243 -6.71 7.86 12.46
C GLU A 243 -5.98 8.46 13.66
N GLY A 244 -6.55 9.53 14.19
CA GLY A 244 -5.98 10.23 15.33
C GLY A 244 -4.75 11.09 15.08
N ILE A 245 -4.22 11.08 13.84
CA ILE A 245 -2.99 11.83 13.57
C ILE A 245 -3.03 12.73 12.36
N MET A 246 -3.96 12.49 11.43
CA MET A 246 -4.03 13.33 10.23
C MET A 246 -4.78 14.62 10.51
N PRO A 247 -4.11 15.76 10.39
CA PRO A 247 -4.81 17.04 10.63
C PRO A 247 -5.73 17.40 9.48
N LYS A 248 -6.77 18.17 9.78
CA LYS A 248 -7.69 18.63 8.74
C LYS A 248 -7.30 19.98 8.16
N ASP A 249 -6.21 20.60 8.64
CA ASP A 249 -5.81 21.94 8.20
C ASP A 249 -4.64 22.01 7.24
N LEU A 250 -4.33 20.90 6.54
CA LEU A 250 -3.21 20.89 5.61
C LEU A 250 -3.64 20.96 4.15
N ASN A 251 -4.94 21.17 3.86
CA ASN A 251 -5.43 21.15 2.48
C ASN A 251 -5.13 19.79 1.83
N VAL A 252 -5.20 18.71 2.63
CA VAL A 252 -4.99 17.36 2.14
C VAL A 252 -6.20 16.51 2.47
N PHE A 253 -6.71 15.80 1.48
CA PHE A 253 -7.81 14.86 1.64
C PHE A 253 -7.25 13.46 1.36
N VAL A 254 -7.63 12.48 2.18
CA VAL A 254 -7.11 11.14 2.04
C VAL A 254 -8.21 10.11 2.02
N THR A 255 -8.07 9.06 1.19
CA THR A 255 -8.88 7.89 1.36
C THR A 255 -7.99 6.66 1.48
N THR A 256 -8.49 5.64 2.20
CA THR A 256 -7.75 4.40 2.39
C THR A 256 -8.60 3.20 2.02
N ALA A 257 -7.97 2.16 1.54
CA ALA A 257 -8.63 0.92 1.11
C ALA A 257 -9.38 0.23 2.23
N SER A 258 -8.92 0.41 3.46
CA SER A 258 -9.52 -0.29 4.58
C SER A 258 -9.54 0.58 5.83
N ASN A 259 -10.29 0.12 6.84
CA ASN A 259 -10.27 0.82 8.12
C ASN A 259 -9.02 0.35 8.92
N ALA A 260 -8.88 0.81 10.18
CA ALA A 260 -7.68 0.49 10.97
C ALA A 260 -7.58 -0.96 11.44
N GLN A 261 -8.62 -1.76 11.24
CA GLN A 261 -8.62 -3.14 11.73
C GLN A 261 -9.06 -4.18 10.69
N GLU A 262 -8.87 -3.87 9.42
CA GLU A 262 -9.24 -4.78 8.34
C GLU A 262 -8.07 -4.95 7.41
N ASN A 263 -7.98 -6.10 6.76
CA ASN A 263 -6.95 -6.28 5.73
C ASN A 263 -7.47 -5.66 4.40
N SER A 264 -6.58 -5.53 3.42
CA SER A 264 -6.91 -5.11 2.08
C SER A 264 -6.89 -6.35 1.14
N TRP A 265 -7.33 -6.17 -0.12
CA TRP A 265 -7.57 -7.30 -1.00
C TRP A 265 -6.96 -7.19 -2.36
N GLY A 266 -6.38 -8.30 -2.80
CA GLY A 266 -5.94 -8.47 -4.16
C GLY A 266 -7.14 -8.98 -4.97
N THR A 267 -7.19 -8.68 -6.26
CA THR A 267 -8.29 -9.13 -7.11
C THR A 267 -7.78 -9.46 -8.54
N TYR A 268 -8.64 -9.99 -9.44
CA TYR A 268 -8.21 -10.47 -10.76
C TYR A 268 -7.16 -11.59 -10.55
N CYS A 269 -7.46 -12.50 -9.60
CA CYS A 269 -6.54 -13.56 -9.20
C CYS A 269 -6.78 -14.83 -9.98
N PRO A 270 -5.73 -15.61 -10.23
CA PRO A 270 -5.91 -16.90 -10.89
C PRO A 270 -6.78 -17.82 -10.03
N GLY A 271 -7.62 -18.57 -10.71
CA GLY A 271 -8.51 -19.50 -10.05
C GLY A 271 -9.73 -18.85 -9.42
N THR A 272 -9.95 -17.56 -9.71
CA THR A 272 -11.10 -16.79 -9.20
C THR A 272 -11.84 -16.11 -10.37
N GLU A 273 -13.00 -15.48 -10.11
CA GLU A 273 -13.80 -14.74 -11.07
C GLU A 273 -14.03 -13.33 -10.51
N PRO A 274 -13.80 -12.25 -11.30
CA PRO A 274 -13.35 -12.25 -12.71
C PRO A 274 -11.90 -12.70 -12.89
N SER A 275 -11.73 -13.68 -13.76
CA SER A 275 -10.45 -14.33 -13.98
C SER A 275 -9.48 -13.59 -14.88
N PRO A 276 -8.20 -13.55 -14.48
CA PRO A 276 -7.18 -13.00 -15.37
C PRO A 276 -6.87 -14.01 -16.51
N PRO A 277 -6.12 -13.62 -17.57
CA PRO A 277 -5.75 -14.60 -18.62
C PRO A 277 -5.10 -15.84 -18.03
N PRO A 278 -5.32 -17.02 -18.65
CA PRO A 278 -4.89 -18.28 -18.02
C PRO A 278 -3.41 -18.45 -17.77
N GLU A 279 -2.56 -17.69 -18.46
CA GLU A 279 -1.12 -17.79 -18.24
C GLU A 279 -0.64 -17.10 -16.95
N TYR A 280 -1.52 -16.36 -16.30
CA TYR A 280 -1.15 -15.64 -15.07
C TYR A 280 -1.29 -16.49 -13.83
N THR A 281 -0.21 -16.53 -13.07
CA THR A 281 -0.14 -17.24 -11.79
C THR A 281 -0.22 -16.30 -10.59
N THR A 282 -0.33 -15.00 -10.82
CA THR A 282 -0.37 -13.97 -9.79
C THR A 282 -1.57 -13.02 -10.07
N CYS A 283 -2.10 -12.34 -9.03
CA CYS A 283 -3.23 -11.44 -9.19
C CYS A 283 -2.81 -10.21 -9.98
N LEU A 284 -3.70 -9.68 -10.80
CA LEU A 284 -3.35 -8.52 -11.63
C LEU A 284 -3.47 -7.18 -10.95
N GLY A 285 -4.31 -7.08 -9.93
CA GLY A 285 -4.53 -5.78 -9.29
C GLY A 285 -5.03 -5.89 -7.87
N ASP A 286 -5.31 -4.74 -7.26
CA ASP A 286 -5.85 -4.70 -5.90
C ASP A 286 -7.23 -4.06 -5.96
N LEU A 287 -8.15 -4.50 -5.12
CA LEU A 287 -9.55 -4.09 -5.22
C LEU A 287 -9.81 -2.59 -5.19
N TYR A 288 -9.38 -1.89 -4.15
CA TYR A 288 -9.58 -0.47 -4.04
C TYR A 288 -8.90 0.29 -5.19
N SER A 289 -7.68 -0.17 -5.55
CA SER A 289 -6.92 0.45 -6.61
C SER A 289 -7.61 0.35 -7.95
N VAL A 290 -7.96 -0.87 -8.39
CA VAL A 290 -8.67 -0.99 -9.66
C VAL A 290 -10.06 -0.34 -9.58
N ALA A 291 -10.66 -0.24 -8.38
CA ALA A 291 -11.95 0.43 -8.25
C ALA A 291 -11.80 1.91 -8.62
N TRP A 292 -10.81 2.64 -8.06
CA TRP A 292 -10.70 4.05 -8.39
C TRP A 292 -10.25 4.23 -9.82
N MET A 293 -9.29 3.41 -10.29
CA MET A 293 -8.78 3.62 -11.66
C MET A 293 -9.82 3.35 -12.72
N GLU A 294 -10.53 2.25 -12.56
CA GLU A 294 -11.58 1.92 -13.54
C GLU A 294 -12.73 2.93 -13.47
N ASP A 295 -12.97 3.52 -12.29
CA ASP A 295 -13.98 4.56 -12.14
C ASP A 295 -13.51 5.83 -12.87
N SER A 296 -12.26 6.30 -12.63
CA SER A 296 -11.77 7.51 -13.31
C SER A 296 -11.77 7.38 -14.81
N GLU A 297 -11.34 6.22 -15.33
CA GLU A 297 -11.20 6.08 -16.78
C GLU A 297 -12.53 5.85 -17.49
N SER A 298 -13.64 5.65 -16.74
CA SER A 298 -14.95 5.46 -17.32
C SER A 298 -15.88 6.67 -17.07
N HIS A 299 -15.33 7.82 -16.64
CA HIS A 299 -16.15 9.01 -16.38
C HIS A 299 -15.45 10.27 -16.87
N ASN A 300 -16.24 11.34 -17.11
CA ASN A 300 -15.72 12.63 -17.49
C ASN A 300 -15.29 13.27 -16.18
N LEU A 301 -13.97 13.39 -15.94
CA LEU A 301 -13.49 13.94 -14.66
C LEU A 301 -13.72 15.43 -14.48
N ARG A 302 -14.17 16.14 -15.54
N ARG A 302 -14.17 16.14 -15.54
CA ARG A 302 -14.55 17.53 -15.38
CA ARG A 302 -14.55 17.54 -15.37
C ARG A 302 -15.93 17.62 -14.67
C ARG A 302 -15.94 17.63 -14.67
N ARG A 303 -16.72 16.52 -14.64
CA ARG A 303 -18.02 16.48 -13.99
C ARG A 303 -17.99 15.66 -12.69
N GLU A 304 -17.19 14.58 -12.64
CA GLU A 304 -17.15 13.74 -11.44
C GLU A 304 -16.39 14.43 -10.32
N THR A 305 -16.95 14.41 -9.10
CA THR A 305 -16.27 15.01 -7.97
C THR A 305 -15.39 13.98 -7.25
N VAL A 306 -14.49 14.48 -6.40
CA VAL A 306 -13.68 13.63 -5.52
C VAL A 306 -14.61 12.81 -4.62
N ASN A 307 -15.72 13.43 -4.15
CA ASN A 307 -16.70 12.70 -3.35
C ASN A 307 -17.35 11.55 -4.11
N GLN A 308 -17.74 11.77 -5.39
CA GLN A 308 -18.38 10.73 -6.19
C GLN A 308 -17.45 9.54 -6.36
N GLN A 309 -16.14 9.81 -6.54
CA GLN A 309 -15.19 8.70 -6.68
C GLN A 309 -15.09 7.96 -5.37
N TYR A 310 -14.99 8.69 -4.25
CA TYR A 310 -14.96 8.07 -2.93
C TYR A 310 -16.18 7.15 -2.72
N ARG A 311 -17.39 7.65 -3.05
CA ARG A 311 -18.58 6.82 -2.85
C ARG A 311 -18.59 5.60 -3.71
N SER A 312 -18.18 5.75 -4.99
CA SER A 312 -18.15 4.59 -5.88
C SER A 312 -17.11 3.55 -5.46
N VAL A 313 -15.94 4.01 -5.06
CA VAL A 313 -14.85 3.13 -4.63
C VAL A 313 -15.24 2.48 -3.31
N LYS A 314 -15.90 3.22 -2.39
CA LYS A 314 -16.36 2.64 -1.13
C LYS A 314 -17.36 1.50 -1.42
N GLU A 315 -18.30 1.74 -2.36
CA GLU A 315 -19.28 0.70 -2.68
C GLU A 315 -18.61 -0.55 -3.28
N ARG A 316 -17.73 -0.34 -4.26
CA ARG A 316 -17.08 -1.48 -4.91
C ARG A 316 -16.16 -2.25 -3.97
N THR A 317 -15.40 -1.53 -3.14
CA THR A 317 -14.45 -2.18 -2.22
C THR A 317 -15.19 -2.94 -1.11
N SER A 318 -16.43 -2.54 -0.79
CA SER A 318 -17.22 -3.28 0.20
C SER A 318 -17.71 -4.62 -0.36
N ASN A 319 -17.70 -4.82 -1.68
CA ASN A 319 -18.14 -6.06 -2.34
C ASN A 319 -19.55 -6.48 -1.91
N PHE A 320 -20.52 -5.61 -2.19
CA PHE A 320 -21.93 -5.80 -1.84
C PHE A 320 -22.10 -5.90 -0.33
N LYS A 321 -21.36 -5.05 0.41
CA LYS A 321 -21.37 -5.01 1.86
C LYS A 321 -21.11 -6.38 2.49
N ASP A 322 -20.27 -7.21 1.82
CA ASP A 322 -19.88 -8.50 2.36
C ASP A 322 -18.46 -8.29 2.84
N TYR A 323 -18.33 -7.89 4.10
CA TYR A 323 -17.03 -7.58 4.67
C TYR A 323 -16.17 -8.80 4.97
N ALA A 324 -16.68 -10.04 4.75
CA ALA A 324 -15.80 -11.20 4.83
C ALA A 324 -14.92 -11.25 3.53
N MET A 325 -15.30 -10.51 2.46
CA MET A 325 -14.56 -10.42 1.22
C MET A 325 -14.54 -8.97 0.68
N GLY A 326 -14.49 -8.04 1.60
CA GLY A 326 -14.45 -6.62 1.28
C GLY A 326 -13.97 -5.81 2.44
N SER A 327 -13.74 -4.52 2.22
N SER A 327 -13.78 -4.52 2.21
CA SER A 327 -13.29 -3.63 3.28
CA SER A 327 -13.33 -3.62 3.27
C SER A 327 -14.03 -2.30 3.27
C SER A 327 -14.05 -2.28 3.27
N HIS A 328 -13.88 -1.53 4.34
CA HIS A 328 -14.51 -0.25 4.52
C HIS A 328 -13.53 0.83 4.10
N VAL A 329 -13.80 1.50 2.99
CA VAL A 329 -12.99 2.61 2.54
C VAL A 329 -13.22 3.78 3.47
N MET A 330 -12.15 4.38 3.96
CA MET A 330 -12.24 5.48 4.92
C MET A 330 -11.74 6.79 4.34
N GLN A 331 -12.15 7.91 4.94
CA GLN A 331 -11.69 9.21 4.50
C GLN A 331 -11.15 10.00 5.69
N TYR A 332 -10.11 10.80 5.45
CA TYR A 332 -9.45 11.59 6.47
C TYR A 332 -9.04 12.93 5.87
N GLY A 333 -8.68 13.87 6.74
CA GLY A 333 -8.22 15.16 6.30
C GLY A 333 -9.32 16.15 6.01
N ASP A 334 -9.04 17.03 5.05
CA ASP A 334 -9.93 18.12 4.69
C ASP A 334 -11.01 17.64 3.76
N THR A 335 -12.19 17.35 4.31
CA THR A 335 -13.31 16.86 3.49
C THR A 335 -13.92 17.92 2.58
N ASN A 336 -13.55 19.21 2.73
CA ASN A 336 -14.02 20.23 1.80
C ASN A 336 -13.53 19.94 0.37
N ILE A 337 -12.37 19.26 0.24
CA ILE A 337 -11.84 18.91 -1.07
C ILE A 337 -12.73 17.92 -1.81
N THR A 338 -13.61 17.17 -1.09
CA THR A 338 -14.49 16.22 -1.79
C THR A 338 -15.48 16.88 -2.74
N ALA A 339 -15.74 18.17 -2.54
CA ALA A 339 -16.65 18.92 -3.43
C ALA A 339 -15.98 19.26 -4.76
N GLU A 340 -14.63 19.15 -4.86
CA GLU A 340 -13.91 19.51 -6.09
C GLU A 340 -14.06 18.51 -7.20
N LYS A 341 -13.96 18.97 -8.46
CA LYS A 341 -14.01 18.08 -9.60
C LYS A 341 -12.67 17.35 -9.64
N LEU A 342 -12.75 16.09 -9.95
CA LEU A 342 -11.58 15.21 -9.94
C LEU A 342 -10.51 15.60 -10.94
N TYR A 343 -10.88 16.24 -12.07
CA TYR A 343 -9.86 16.67 -13.04
C TYR A 343 -8.84 17.62 -12.49
N LEU A 344 -9.18 18.36 -11.41
CA LEU A 344 -8.21 19.26 -10.81
C LEU A 344 -6.99 18.48 -10.26
N PHE A 345 -7.16 17.16 -9.98
CA PHE A 345 -6.09 16.33 -9.45
C PHE A 345 -5.62 15.30 -10.47
N GLN A 346 -6.54 14.67 -11.20
CA GLN A 346 -6.22 13.59 -12.11
C GLN A 346 -6.25 13.93 -13.60
N GLY A 347 -6.53 15.17 -13.91
CA GLY A 347 -6.70 15.61 -15.30
C GLY A 347 -7.99 15.11 -15.90
N PHE A 348 -8.15 15.29 -17.22
CA PHE A 348 -9.33 14.80 -17.92
C PHE A 348 -8.97 14.26 -19.28
N ASP A 349 -9.54 13.12 -19.65
CA ASP A 349 -9.27 12.52 -20.96
C ASP A 349 -10.27 13.17 -21.90
N PRO A 350 -9.79 13.93 -22.91
CA PRO A 350 -10.72 14.62 -23.81
C PRO A 350 -11.68 13.73 -24.59
N ALA A 351 -11.33 12.45 -24.73
CA ALA A 351 -12.13 11.49 -25.48
C ALA A 351 -13.21 10.78 -24.65
N THR A 352 -13.43 11.19 -23.38
CA THR A 352 -14.44 10.50 -22.56
C THR A 352 -15.66 11.38 -22.27
N VAL A 353 -16.85 10.90 -22.70
N VAL A 353 -16.86 10.93 -22.68
CA VAL A 353 -18.13 11.58 -22.50
CA VAL A 353 -18.09 11.68 -22.43
C VAL A 353 -18.96 10.77 -21.50
C VAL A 353 -18.98 10.85 -21.48
N ASN A 354 -18.45 10.61 -20.26
CA ASN A 354 -19.08 9.83 -19.19
C ASN A 354 -19.42 8.39 -19.60
N GLU A 363 -22.71 -3.56 -11.94
CA GLU A 363 -21.54 -3.98 -11.18
C GLU A 363 -21.80 -5.34 -10.50
N ALA A 364 -20.85 -6.27 -10.59
CA ALA A 364 -20.97 -7.59 -9.99
C ALA A 364 -19.87 -7.85 -8.93
N LYS A 365 -20.08 -8.84 -8.05
CA LYS A 365 -19.17 -9.19 -6.97
C LYS A 365 -17.85 -9.70 -7.51
N MET A 366 -16.75 -9.36 -6.84
CA MET A 366 -15.43 -9.78 -7.29
C MET A 366 -14.80 -10.72 -6.31
N GLU A 367 -14.24 -11.84 -6.79
CA GLU A 367 -13.53 -12.75 -5.91
C GLU A 367 -12.21 -12.06 -5.54
N VAL A 368 -11.85 -12.15 -4.27
CA VAL A 368 -10.67 -11.46 -3.76
C VAL A 368 -9.79 -12.38 -2.95
N VAL A 369 -8.54 -12.00 -2.78
N VAL A 369 -8.53 -12.00 -2.80
CA VAL A 369 -7.59 -12.77 -1.98
CA VAL A 369 -7.59 -12.74 -1.96
C VAL A 369 -6.94 -11.82 -0.99
C VAL A 369 -7.04 -11.76 -0.93
N HIS A 370 -6.83 -12.22 0.29
CA HIS A 370 -6.24 -11.41 1.35
C HIS A 370 -4.81 -10.97 0.91
N GLN A 371 -4.42 -9.68 1.04
CA GLN A 371 -3.06 -9.26 0.59
C GLN A 371 -1.98 -10.13 1.15
N ARG A 372 -2.14 -10.58 2.43
CA ARG A 372 -1.10 -11.37 3.08
C ARG A 372 -1.04 -12.82 2.62
N ASP A 373 -2.04 -13.29 1.90
CA ASP A 373 -2.06 -14.66 1.43
C ASP A 373 -1.89 -14.80 -0.07
N ALA A 374 -1.81 -13.69 -0.81
CA ALA A 374 -1.63 -13.75 -2.25
C ALA A 374 -0.31 -14.40 -2.67
N GLU A 375 0.75 -14.29 -1.85
CA GLU A 375 2.02 -14.91 -2.20
C GLU A 375 1.87 -16.43 -2.17
N LEU A 376 1.26 -16.96 -1.09
CA LEU A 376 1.06 -18.40 -1.01
C LEU A 376 0.14 -18.88 -2.14
N LEU A 377 -0.88 -18.11 -2.54
CA LEU A 377 -1.75 -18.49 -3.67
C LEU A 377 -0.92 -18.61 -4.95
N PHE A 378 0.00 -17.67 -5.16
CA PHE A 378 0.88 -17.69 -6.33
C PHE A 378 1.80 -18.93 -6.28
N MET A 379 2.38 -19.23 -5.13
CA MET A 379 3.28 -20.39 -5.01
C MET A 379 2.49 -21.69 -5.26
N TRP A 380 1.24 -21.74 -4.77
CA TRP A 380 0.40 -22.92 -5.01
C TRP A 380 0.10 -23.03 -6.49
N GLN A 381 -0.16 -21.91 -7.18
CA GLN A 381 -0.37 -21.95 -8.65
C GLN A 381 0.86 -22.53 -9.34
N MET A 382 2.07 -22.10 -8.97
CA MET A 382 3.31 -22.59 -9.55
C MET A 382 3.46 -24.09 -9.29
N TYR A 383 3.12 -24.53 -8.08
CA TYR A 383 3.19 -25.94 -7.71
C TYR A 383 2.25 -26.76 -8.58
N GLN A 384 0.97 -26.35 -8.70
N GLN A 384 0.98 -26.37 -8.67
CA GLN A 384 -0.05 -27.04 -9.49
CA GLN A 384 -0.01 -27.09 -9.49
C GLN A 384 0.22 -27.06 -10.99
C GLN A 384 0.43 -27.16 -10.94
N ARG A 385 0.95 -26.07 -11.48
CA ARG A 385 1.34 -26.01 -12.90
C ARG A 385 2.64 -26.78 -13.21
N SER A 386 3.35 -27.23 -12.19
CA SER A 386 4.56 -28.02 -12.34
C SER A 386 4.35 -29.48 -11.89
N ASN A 387 3.08 -29.96 -11.76
CA ASN A 387 2.75 -31.31 -11.28
C ASN A 387 3.40 -32.44 -12.10
N HIS A 388 3.64 -32.17 -13.38
CA HIS A 388 4.27 -33.10 -14.31
C HIS A 388 5.79 -33.21 -14.09
N LEU A 389 6.43 -32.20 -13.46
CA LEU A 389 7.85 -32.21 -13.18
C LEU A 389 8.07 -32.47 -11.69
N LEU A 390 8.45 -33.70 -11.32
CA LEU A 390 8.67 -34.10 -9.93
C LEU A 390 9.67 -33.23 -9.16
N GLY A 391 10.84 -32.99 -9.74
CA GLY A 391 11.89 -32.19 -9.12
C GLY A 391 11.47 -30.77 -8.83
N LYS A 392 10.86 -30.10 -9.82
CA LYS A 392 10.40 -28.72 -9.69
C LYS A 392 9.25 -28.63 -8.67
N LYS A 393 8.33 -29.61 -8.71
CA LYS A 393 7.17 -29.71 -7.82
C LYS A 393 7.61 -29.81 -6.37
N THR A 394 8.62 -30.66 -6.10
CA THR A 394 9.14 -30.87 -4.75
C THR A 394 9.83 -29.60 -4.25
N HIS A 395 10.59 -28.94 -5.13
CA HIS A 395 11.28 -27.70 -4.80
C HIS A 395 10.27 -26.61 -4.39
N ILE A 396 9.17 -26.45 -5.14
CA ILE A 396 8.15 -25.45 -4.82
C ILE A 396 7.44 -25.77 -3.49
N LEU A 397 7.17 -27.05 -3.22
CA LEU A 397 6.51 -27.44 -1.98
C LEU A 397 7.42 -27.07 -0.77
N LYS A 398 8.75 -27.24 -0.93
CA LYS A 398 9.69 -26.87 0.12
C LYS A 398 9.76 -25.35 0.28
N GLN A 399 9.61 -24.58 -0.81
CA GLN A 399 9.56 -23.12 -0.70
C GLN A 399 8.31 -22.68 0.04
N ILE A 400 7.16 -23.34 -0.22
CA ILE A 400 5.92 -23.04 0.50
C ILE A 400 6.12 -23.33 1.98
N ALA A 401 6.76 -24.48 2.30
CA ALA A 401 6.99 -24.82 3.71
C ALA A 401 7.89 -23.78 4.39
N GLU A 402 8.95 -23.29 3.67
CA GLU A 402 9.82 -22.29 4.27
C GLU A 402 9.07 -21.00 4.53
N THR A 403 8.20 -20.60 3.60
CA THR A 403 7.41 -19.39 3.76
C THR A 403 6.43 -19.49 4.95
N VAL A 404 5.74 -20.63 5.08
CA VAL A 404 4.80 -20.82 6.19
C VAL A 404 5.56 -20.93 7.51
N LYS A 405 6.72 -21.60 7.52
CA LYS A 405 7.51 -21.69 8.76
C LYS A 405 7.97 -20.28 9.19
N HIS A 406 8.31 -19.42 8.22
CA HIS A 406 8.76 -18.07 8.56
C HIS A 406 7.57 -17.28 9.13
N ARG A 407 6.40 -17.39 8.51
CA ARG A 407 5.19 -16.74 9.01
C ARG A 407 4.89 -17.21 10.45
N ASN A 408 4.95 -18.53 10.66
CA ASN A 408 4.71 -19.12 11.98
C ASN A 408 5.71 -18.63 13.00
N HIS A 409 6.98 -18.48 12.60
CA HIS A 409 8.01 -17.97 13.53
C HIS A 409 7.63 -16.56 13.99
N LEU A 410 7.23 -15.71 13.06
CA LEU A 410 6.90 -14.33 13.44
C LEU A 410 5.63 -14.29 14.30
N ASP A 411 4.59 -15.03 13.89
CA ASP A 411 3.32 -15.01 14.63
C ASP A 411 3.51 -15.61 16.01
N GLY A 412 4.25 -16.70 16.10
CA GLY A 412 4.47 -17.38 17.37
C GLY A 412 5.36 -16.59 18.31
N SER A 413 6.37 -15.92 17.75
CA SER A 413 7.29 -15.14 18.58
C SER A 413 6.55 -13.94 19.19
N VAL A 414 5.70 -13.26 18.40
CA VAL A 414 4.96 -12.13 18.91
C VAL A 414 3.96 -12.59 19.99
N GLU A 415 3.29 -13.73 19.75
CA GLU A 415 2.36 -14.24 20.76
C GLU A 415 3.12 -14.59 22.06
N LEU A 416 4.29 -15.19 21.93
CA LEU A 416 5.11 -15.56 23.08
C LEU A 416 5.58 -14.32 23.84
N ILE A 417 5.95 -13.25 23.14
CA ILE A 417 6.33 -12.01 23.82
C ILE A 417 5.17 -11.46 24.65
N GLY A 418 3.95 -11.56 24.12
CA GLY A 418 2.78 -11.11 24.86
C GLY A 418 2.59 -11.92 26.15
N VAL A 419 2.78 -13.24 26.06
CA VAL A 419 2.64 -14.10 27.24
C VAL A 419 3.72 -13.74 28.27
N LEU A 420 4.95 -13.54 27.83
CA LEU A 420 6.05 -13.22 28.75
C LEU A 420 5.87 -11.88 29.45
N LEU A 421 5.30 -10.90 28.72
CA LEU A 421 5.10 -9.57 29.32
C LEU A 421 3.84 -9.45 30.18
N TYR A 422 2.74 -10.05 29.75
CA TYR A 422 1.45 -9.87 30.40
C TYR A 422 0.83 -11.08 31.04
N GLY A 423 1.39 -12.24 30.75
CA GLY A 423 0.85 -13.49 31.25
C GLY A 423 -0.07 -14.13 30.23
N PRO A 424 -0.28 -15.43 30.36
CA PRO A 424 -1.18 -16.12 29.43
C PRO A 424 -2.62 -15.64 29.68
N GLY A 425 -3.45 -15.61 28.65
CA GLY A 425 -4.81 -15.12 28.88
C GLY A 425 -4.93 -13.60 28.90
N LYS A 426 -3.88 -12.84 29.30
CA LYS A 426 -3.89 -11.36 29.10
C LYS A 426 -3.02 -10.98 27.87
N GLY A 427 -2.04 -11.80 27.51
CA GLY A 427 -1.16 -11.53 26.37
C GLY A 427 -1.88 -11.17 25.09
N SER A 428 -2.79 -12.06 24.63
CA SER A 428 -3.55 -11.78 23.41
C SER A 428 -4.51 -10.62 23.55
N PRO A 429 -5.29 -10.49 24.63
CA PRO A 429 -6.17 -9.32 24.74
C PRO A 429 -5.39 -8.01 24.68
N VAL A 430 -4.23 -7.94 25.36
CA VAL A 430 -3.43 -6.71 25.29
C VAL A 430 -2.87 -6.48 23.88
N LEU A 431 -2.19 -7.48 23.29
CA LEU A 431 -1.55 -7.27 21.98
C LEU A 431 -2.54 -7.03 20.87
N GLN A 432 -3.73 -7.61 20.94
CA GLN A 432 -4.69 -7.51 19.85
C GLN A 432 -5.78 -6.47 20.03
N SER A 433 -5.85 -5.80 21.18
CA SER A 433 -6.87 -4.80 21.43
C SER A 433 -6.78 -3.65 20.45
N VAL A 434 -7.93 -3.25 19.91
CA VAL A 434 -7.99 -2.19 18.93
C VAL A 434 -8.58 -0.97 19.60
N ARG A 435 -7.87 0.17 19.51
CA ARG A 435 -8.37 1.41 20.08
C ARG A 435 -9.62 1.86 19.34
N ASP A 436 -10.44 2.68 19.99
CA ASP A 436 -11.65 3.21 19.35
C ASP A 436 -11.30 4.03 18.12
N PRO A 437 -12.19 4.08 17.10
CA PRO A 437 -11.92 4.94 15.95
C PRO A 437 -11.66 6.39 16.37
N GLY A 438 -10.78 7.07 15.64
CA GLY A 438 -10.42 8.44 15.94
C GLY A 438 -9.18 8.59 16.83
N LEU A 439 -8.73 7.50 17.46
CA LEU A 439 -7.55 7.55 18.34
C LEU A 439 -6.32 7.10 17.58
N PRO A 440 -5.14 7.66 17.90
CA PRO A 440 -3.93 7.21 17.22
C PRO A 440 -3.61 5.79 17.64
N LEU A 441 -2.93 5.05 16.74
CA LEU A 441 -2.57 3.67 17.06
C LEU A 441 -1.62 3.62 18.27
N VAL A 442 -0.70 4.55 18.34
CA VAL A 442 0.33 4.58 19.37
C VAL A 442 0.53 6.02 19.81
N ASP A 443 0.85 6.19 21.10
CA ASP A 443 1.06 7.54 21.62
C ASP A 443 2.48 8.00 21.38
N ASN A 444 3.44 7.10 21.33
CA ASN A 444 4.83 7.46 21.13
C ASN A 444 5.38 6.67 19.93
N TRP A 445 5.50 7.34 18.78
CA TRP A 445 5.97 6.71 17.56
C TRP A 445 7.44 6.31 17.60
N ALA A 446 8.25 6.99 18.41
CA ALA A 446 9.65 6.60 18.55
C ALA A 446 9.70 5.26 19.32
N CYS A 447 8.87 5.10 20.34
CA CYS A 447 8.76 3.83 21.08
C CYS A 447 8.36 2.72 20.10
N LEU A 448 7.41 3.02 19.19
CA LEU A 448 6.99 1.99 18.23
C LEU A 448 8.19 1.47 17.40
N LYS A 449 9.01 2.41 16.89
CA LYS A 449 10.21 2.01 16.15
C LYS A 449 11.17 1.24 17.02
N SER A 450 11.30 1.64 18.29
CA SER A 450 12.21 0.92 19.18
C SER A 450 11.72 -0.50 19.46
N MET A 451 10.41 -0.72 19.59
CA MET A 451 9.91 -2.09 19.80
C MET A 451 10.24 -2.96 18.60
N VAL A 452 10.09 -2.42 17.38
CA VAL A 452 10.45 -3.15 16.17
C VAL A 452 11.94 -3.46 16.15
N ARG A 453 12.77 -2.47 16.47
CA ARG A 453 14.23 -2.65 16.52
C ARG A 453 14.61 -3.76 17.52
N VAL A 454 14.03 -3.73 18.73
CA VAL A 454 14.35 -4.76 19.73
C VAL A 454 13.89 -6.12 19.27
N PHE A 455 12.67 -6.19 18.76
CA PHE A 455 12.16 -7.46 18.21
C PHE A 455 13.11 -8.01 17.13
N GLU A 456 13.45 -7.18 16.13
CA GLU A 456 14.29 -7.65 15.05
C GLU A 456 15.65 -8.06 15.47
N SER A 457 16.22 -7.39 16.48
CA SER A 457 17.57 -7.76 16.93
C SER A 457 17.62 -9.17 17.52
N HIS A 458 16.53 -9.71 18.03
CA HIS A 458 16.52 -11.05 18.61
C HIS A 458 15.81 -12.06 17.72
N CYS A 459 14.71 -11.65 17.10
CA CYS A 459 13.80 -12.54 16.34
C CYS A 459 13.97 -12.52 14.83
N GLY A 460 14.78 -11.60 14.32
CA GLY A 460 14.99 -11.49 12.89
C GLY A 460 14.12 -10.41 12.28
N SER A 461 14.38 -10.10 11.00
CA SER A 461 13.63 -9.07 10.30
C SER A 461 12.14 -9.32 10.32
N LEU A 462 11.35 -8.28 10.46
CA LEU A 462 9.91 -8.39 10.53
C LEU A 462 9.31 -8.91 9.25
N THR A 463 9.87 -8.49 8.09
CA THR A 463 9.36 -8.77 6.73
C THR A 463 8.03 -8.03 6.51
N GLN A 464 7.57 -7.97 5.24
CA GLN A 464 6.30 -7.30 4.95
C GLN A 464 5.15 -7.98 5.65
N TYR A 465 5.15 -9.32 5.70
CA TYR A 465 4.09 -10.06 6.40
C TYR A 465 4.03 -9.64 7.88
N GLY A 466 5.21 -9.47 8.48
CA GLY A 466 5.34 -9.10 9.89
C GLY A 466 4.76 -7.75 10.25
N MET A 467 4.50 -6.88 9.26
CA MET A 467 3.84 -5.60 9.58
C MET A 467 2.46 -5.82 10.21
N LYS A 468 1.88 -7.05 10.05
CA LYS A 468 0.60 -7.33 10.73
C LYS A 468 0.71 -7.19 12.24
N HIS A 469 1.93 -7.32 12.79
CA HIS A 469 2.15 -7.28 14.25
C HIS A 469 2.43 -5.89 14.76
N MET A 470 2.30 -4.84 13.91
CA MET A 470 2.59 -3.50 14.39
C MET A 470 1.61 -3.03 15.47
N ARG A 471 0.35 -3.50 15.48
CA ARG A 471 -0.57 -3.11 16.56
C ARG A 471 -0.13 -3.76 17.89
N ALA A 472 0.48 -4.98 17.83
CA ALA A 472 0.99 -5.61 19.06
C ALA A 472 2.13 -4.74 19.62
N PHE A 473 3.07 -4.30 18.74
CA PHE A 473 4.17 -3.45 19.20
C PHE A 473 3.68 -2.12 19.74
N ALA A 474 2.66 -1.54 19.08
CA ALA A 474 2.09 -0.27 19.54
C ALA A 474 1.43 -0.46 20.91
N ASN A 475 0.77 -1.60 21.12
CA ASN A 475 0.09 -1.88 22.36
C ASN A 475 1.06 -2.13 23.47
N ILE A 476 2.26 -2.66 23.18
CA ILE A 476 3.31 -2.80 24.17
C ILE A 476 3.73 -1.41 24.63
N CYS A 477 3.96 -0.51 23.68
CA CYS A 477 4.27 0.89 23.99
C CYS A 477 3.20 1.54 24.85
N ASN A 478 1.94 1.43 24.43
CA ASN A 478 0.84 2.07 25.12
C ASN A 478 0.62 1.54 26.52
N SER A 479 0.95 0.27 26.75
CA SER A 479 0.73 -0.35 28.05
C SER A 479 1.66 0.14 29.14
N GLY A 480 2.75 0.82 28.79
CA GLY A 480 3.69 1.29 29.80
C GLY A 480 4.85 0.32 30.04
N VAL A 481 4.84 -0.84 29.34
CA VAL A 481 5.95 -1.79 29.42
C VAL A 481 7.24 -1.11 28.96
N SER A 482 8.29 -1.32 29.71
CA SER A 482 9.56 -0.70 29.39
C SER A 482 10.30 -1.36 28.24
N GLU A 483 11.21 -0.64 27.63
CA GLU A 483 12.09 -1.17 26.61
C GLU A 483 13.02 -2.23 27.22
N SER A 484 13.43 -2.06 28.50
CA SER A 484 14.25 -3.07 29.16
C SER A 484 13.45 -4.37 29.32
N SER A 485 12.13 -4.29 29.62
CA SER A 485 11.31 -5.50 29.72
C SER A 485 11.13 -6.13 28.33
N MET A 486 10.94 -5.30 27.29
CA MET A 486 10.80 -5.83 25.92
C MET A 486 12.06 -6.57 25.51
N GLU A 487 13.24 -6.03 25.83
CA GLU A 487 14.52 -6.67 25.53
C GLU A 487 14.58 -8.06 26.20
N GLU A 488 14.19 -8.12 27.48
CA GLU A 488 14.23 -9.39 28.21
C GLU A 488 13.26 -10.40 27.59
N ALA A 489 12.03 -9.96 27.28
CA ALA A 489 11.04 -10.86 26.66
C ALA A 489 11.50 -11.36 25.29
N CYS A 490 12.10 -10.48 24.44
CA CYS A 490 12.55 -10.87 23.12
C CYS A 490 13.73 -11.82 23.19
N MET A 491 14.63 -11.60 24.14
CA MET A 491 15.77 -12.48 24.35
C MET A 491 15.28 -13.89 24.78
N VAL A 492 14.31 -13.95 25.69
CA VAL A 492 13.77 -15.24 26.13
C VAL A 492 13.01 -15.91 24.98
N ALA A 493 12.24 -15.11 24.20
CA ALA A 493 11.44 -15.68 23.13
C ALA A 493 12.24 -16.16 21.94
N CYS A 494 13.33 -15.46 21.60
CA CYS A 494 14.02 -15.77 20.35
C CYS A 494 15.51 -16.14 20.44
N GLY A 495 16.20 -15.99 21.59
CA GLY A 495 17.62 -16.42 21.63
C GLY A 495 17.78 -17.95 21.62
C1 EDO B . 7.28 -14.18 6.11
O1 EDO B . 7.79 -12.97 5.59
C2 EDO B . 7.10 -15.15 4.91
O2 EDO B . 6.11 -14.58 4.06
C1 EDO C . 8.22 -3.93 5.37
O1 EDO C . 8.61 -3.48 4.08
C2 EDO C . 9.47 -4.52 6.07
O2 EDO C . 10.10 -5.50 5.26
C1 EDO D . 12.57 -3.39 8.50
O1 EDO D . 13.12 -4.68 8.78
C2 EDO D . 13.28 -2.36 9.37
O2 EDO D . 12.77 -2.40 10.69
C1 EDO E . 13.13 -9.45 -7.06
O1 EDO E . 12.12 -9.94 -7.95
C2 EDO E . 12.73 -9.69 -5.57
O2 EDO E . 12.12 -10.98 -5.42
C1 PEG F . -4.17 -21.19 -3.76
O1 PEG F . -3.89 -21.55 -5.10
C2 PEG F . -5.63 -21.14 -3.49
O2 PEG F . -6.05 -22.37 -2.92
C3 PEG F . -6.36 -23.36 -3.88
C4 PEG F . -7.04 -24.50 -3.24
O4 PEG F . -6.33 -24.92 -2.07
C1 EDO G . 19.81 12.29 -9.92
O1 EDO G . 21.19 12.20 -10.24
C2 EDO G . 19.63 12.71 -8.45
O2 EDO G . 20.16 11.73 -7.58
#